data_4OX8
#
_entry.id   4OX8
#
_cell.length_a   66.152
_cell.length_b   58.553
_cell.length_c   81.333
_cell.angle_alpha   90.00
_cell.angle_beta   113.33
_cell.angle_gamma   90.00
#
_symmetry.space_group_name_H-M   'P 1 21 1'
#
loop_
_entity.id
_entity.type
_entity.pdbx_description
1 polymer 'Carbon dioxide-concentrating mechanism protein CcmK'
2 water water
#
_entity_poly.entity_id   1
_entity_poly.type   'polypeptide(L)'
_entity_poly.pdbx_seq_one_letter_code
;MSYYHHHHHHDYDIPTTENLYFQGAMASETMGIALGMIETRGLVPAIEAADAMTKAAEVRLIGREFVGGGYVTVLVRGET
GAVNAAVRAGADACERVGDGLVAAHIIARPHREVEPALGNGNFLGQKD
;
_entity_poly.pdbx_strand_id   A,B,C,D,E,F
#
# COMPACT_ATOMS: atom_id res chain seq x y z
N MET A 31 3.10 -1.82 34.95
CA MET A 31 4.25 -1.33 34.21
C MET A 31 5.27 -2.42 33.96
N GLY A 32 4.78 -3.62 33.62
CA GLY A 32 5.64 -4.68 33.13
C GLY A 32 6.10 -4.29 31.74
N ILE A 33 7.23 -4.81 31.30
CA ILE A 33 7.78 -4.40 30.00
C ILE A 33 7.71 -5.47 28.94
N ALA A 34 7.02 -6.57 29.22
CA ALA A 34 6.90 -7.64 28.24
C ALA A 34 6.07 -7.11 27.06
N LEU A 35 6.40 -7.58 25.86
CA LEU A 35 5.70 -7.16 24.65
C LEU A 35 4.96 -8.33 24.02
N GLY A 36 3.69 -8.10 23.69
CA GLY A 36 2.87 -9.10 23.05
C GLY A 36 2.43 -8.56 21.71
N MET A 37 2.50 -9.41 20.69
CA MET A 37 2.20 -8.99 19.33
C MET A 37 1.39 -10.01 18.58
N ILE A 38 0.35 -9.53 17.90
CA ILE A 38 -0.39 -10.37 16.98
C ILE A 38 -0.57 -9.66 15.66
N GLU A 39 -0.24 -10.38 14.58
CA GLU A 39 -0.33 -9.87 13.22
C GLU A 39 -1.42 -10.65 12.50
N THR A 40 -2.24 -9.96 11.72
CA THR A 40 -3.37 -10.59 11.05
C THR A 40 -3.46 -10.13 9.60
N ARG A 41 -4.29 -10.85 8.84
CA ARG A 41 -4.62 -10.44 7.48
C ARG A 41 -5.94 -9.67 7.52
N GLY A 42 -5.86 -8.34 7.44
CA GLY A 42 -7.04 -7.50 7.58
C GLY A 42 -7.18 -6.89 8.96
N LEU A 43 -7.99 -5.85 9.06
CA LEU A 43 -8.18 -5.13 10.33
C LEU A 43 -9.17 -5.81 11.26
N VAL A 44 -10.16 -6.50 10.69
CA VAL A 44 -11.18 -7.09 11.56
C VAL A 44 -10.65 -8.18 12.50
N PRO A 45 -9.82 -9.14 11.99
CA PRO A 45 -9.25 -10.06 12.97
C PRO A 45 -8.28 -9.41 13.95
N ALA A 46 -7.62 -8.32 13.55
CA ALA A 46 -6.75 -7.59 14.44
C ALA A 46 -7.52 -6.92 15.59
N ILE A 47 -8.73 -6.47 15.32
CA ILE A 47 -9.49 -5.79 16.35
C ILE A 47 -10.03 -6.82 17.32
N GLU A 48 -10.47 -7.95 16.77
CA GLU A 48 -10.89 -9.08 17.61
C GLU A 48 -9.75 -9.54 18.53
N ALA A 49 -8.55 -9.62 17.97
CA ALA A 49 -7.35 -10.03 18.72
C ALA A 49 -7.06 -9.09 19.89
N ALA A 50 -7.05 -7.79 19.62
CA ALA A 50 -6.75 -6.80 20.66
C ALA A 50 -7.80 -6.84 21.76
N ASP A 51 -9.06 -7.05 21.37
CA ASP A 51 -10.16 -7.15 22.30
C ASP A 51 -9.99 -8.34 23.23
N ALA A 52 -9.66 -9.48 22.64
CA ALA A 52 -9.46 -10.72 23.40
C ALA A 52 -8.22 -10.64 24.28
N MET A 53 -7.20 -9.92 23.82
CA MET A 53 -5.96 -9.80 24.56
C MET A 53 -6.17 -8.96 25.83
N THR A 54 -6.81 -7.81 25.66
CA THR A 54 -7.01 -6.89 26.75
C THR A 54 -8.08 -7.38 27.71
N LYS A 55 -8.90 -8.36 27.30
CA LYS A 55 -9.88 -8.97 28.19
C LYS A 55 -9.30 -10.15 28.99
N ALA A 56 -8.23 -10.76 28.48
CA ALA A 56 -7.74 -11.99 29.09
C ALA A 56 -6.81 -11.76 30.26
N ALA A 57 -6.18 -10.58 30.31
CA ALA A 57 -5.16 -10.30 31.31
C ALA A 57 -4.91 -8.82 31.40
N GLU A 58 -4.10 -8.41 32.37
CA GLU A 58 -3.81 -7.00 32.56
C GLU A 58 -2.70 -6.54 31.64
N VAL A 59 -3.07 -6.20 30.40
CA VAL A 59 -2.14 -5.65 29.41
C VAL A 59 -2.71 -4.37 28.84
N ARG A 60 -1.83 -3.46 28.44
CA ARG A 60 -2.29 -2.21 27.84
C ARG A 60 -2.05 -2.25 26.32
N LEU A 61 -3.07 -1.89 25.53
CA LEU A 61 -2.87 -1.80 24.09
C LEU A 61 -2.07 -0.56 23.80
N ILE A 62 -0.92 -0.71 23.14
CA ILE A 62 -0.07 0.44 22.86
C ILE A 62 0.07 0.75 21.39
N GLY A 63 -0.49 -0.10 20.53
CA GLY A 63 -0.39 0.15 19.11
C GLY A 63 -1.27 -0.68 18.21
N ARG A 64 -1.59 -0.10 17.06
CA ARG A 64 -2.24 -0.77 15.94
C ARG A 64 -1.62 -0.22 14.67
N GLU A 65 -0.91 -1.07 13.94
CA GLU A 65 -0.16 -0.62 12.77
C GLU A 65 -0.75 -1.19 11.50
N PHE A 66 -1.01 -0.31 10.54
CA PHE A 66 -1.30 -0.75 9.17
C PHE A 66 0.04 -0.94 8.45
N VAL A 67 0.41 -2.19 8.22
CA VAL A 67 1.78 -2.53 7.87
C VAL A 67 2.04 -2.39 6.36
N GLY A 68 0.99 -2.47 5.57
CA GLY A 68 1.11 -2.52 4.13
C GLY A 68 0.76 -3.90 3.62
N GLY A 69 0.09 -3.96 2.47
CA GLY A 69 -0.21 -5.23 1.83
C GLY A 69 -1.40 -5.95 2.44
N GLY A 70 -2.02 -5.36 3.46
CA GLY A 70 -3.11 -6.02 4.16
C GLY A 70 -2.74 -6.54 5.55
N TYR A 71 -1.44 -6.53 5.87
CA TYR A 71 -0.99 -6.91 7.20
C TYR A 71 -1.40 -5.85 8.23
N VAL A 72 -1.96 -6.30 9.35
CA VAL A 72 -2.18 -5.41 10.52
C VAL A 72 -1.62 -6.04 11.78
N THR A 73 -0.93 -5.24 12.60
CA THR A 73 -0.33 -5.73 13.83
C THR A 73 -0.84 -4.93 15.04
N VAL A 74 -1.25 -5.64 16.08
CA VAL A 74 -1.60 -5.00 17.34
C VAL A 74 -0.57 -5.39 18.40
N LEU A 75 -0.26 -4.46 19.29
CA LEU A 75 0.82 -4.65 20.27
C LEU A 75 0.32 -4.31 21.66
N VAL A 76 0.68 -5.13 22.65
CA VAL A 76 0.28 -4.85 24.03
C VAL A 76 1.50 -4.96 24.96
N ARG A 77 1.44 -4.28 26.10
CA ARG A 77 2.49 -4.37 27.12
C ARG A 77 1.94 -4.84 28.45
N GLY A 78 2.72 -5.61 29.20
CA GLY A 78 2.32 -6.01 30.54
C GLY A 78 3.40 -6.88 31.17
N GLU A 79 3.10 -7.48 32.31
CA GLU A 79 4.02 -8.42 32.93
C GLU A 79 4.04 -9.68 32.07
N THR A 80 5.10 -10.47 32.20
CA THR A 80 5.32 -11.66 31.38
C THR A 80 4.12 -12.61 31.41
N GLY A 81 3.64 -12.93 32.61
CA GLY A 81 2.51 -13.85 32.75
C GLY A 81 1.25 -13.34 32.06
N ALA A 82 0.95 -12.06 32.21
CA ALA A 82 -0.26 -11.46 31.60
C ALA A 82 -0.18 -11.42 30.08
N VAL A 83 0.98 -11.04 29.56
CA VAL A 83 1.19 -10.99 28.12
C VAL A 83 1.10 -12.40 27.52
N ASN A 84 1.66 -13.38 28.22
CA ASN A 84 1.50 -14.78 27.81
C ASN A 84 0.03 -15.16 27.68
N ALA A 85 -0.77 -14.84 28.70
CA ALA A 85 -2.20 -15.18 28.67
C ALA A 85 -2.93 -14.40 27.59
N ALA A 86 -2.57 -13.13 27.42
CA ALA A 86 -3.23 -12.27 26.44
C ALA A 86 -3.00 -12.77 25.03
N VAL A 87 -1.74 -13.07 24.69
CA VAL A 87 -1.40 -13.45 23.32
C VAL A 87 -2.02 -14.80 22.95
N ARG A 88 -2.09 -15.71 23.91
CA ARG A 88 -2.74 -16.99 23.67
C ARG A 88 -4.22 -16.77 23.39
N ALA A 89 -4.83 -15.88 24.18
CA ALA A 89 -6.24 -15.58 24.01
C ALA A 89 -6.55 -14.87 22.69
N GLY A 90 -5.72 -13.89 22.33
CA GLY A 90 -5.87 -13.16 21.08
C GLY A 90 -5.72 -14.07 19.87
N ALA A 91 -4.70 -14.93 19.91
CA ALA A 91 -4.43 -15.87 18.82
C ALA A 91 -5.62 -16.80 18.61
N ASP A 92 -6.11 -17.35 19.70
CA ASP A 92 -7.26 -18.24 19.68
C ASP A 92 -8.52 -17.57 19.12
N ALA A 93 -8.76 -16.33 19.54
CA ALA A 93 -10.00 -15.63 19.15
C ALA A 93 -10.04 -15.20 17.69
N CYS A 94 -8.89 -14.85 17.12
CA CYS A 94 -8.87 -14.19 15.81
C CYS A 94 -8.55 -15.12 14.64
N GLU A 95 -8.10 -16.35 14.92
CA GLU A 95 -7.62 -17.19 13.83
C GLU A 95 -8.73 -17.58 12.85
N ARG A 96 -9.97 -17.51 13.29
CA ARG A 96 -11.08 -17.89 12.44
C ARG A 96 -11.88 -16.66 11.97
N VAL A 97 -11.34 -15.46 12.22
CA VAL A 97 -12.00 -14.22 11.83
C VAL A 97 -11.39 -13.66 10.55
N GLY A 98 -12.20 -13.48 9.52
CA GLY A 98 -11.71 -12.95 8.26
C GLY A 98 -10.62 -13.80 7.64
N ASP A 99 -9.57 -13.16 7.14
CA ASP A 99 -8.47 -13.92 6.55
C ASP A 99 -7.46 -14.37 7.62
N GLY A 100 -7.72 -14.01 8.87
CA GLY A 100 -7.14 -14.68 10.02
C GLY A 100 -5.78 -14.25 10.53
N LEU A 101 -5.18 -15.15 11.30
CA LEU A 101 -3.94 -14.91 12.03
C LEU A 101 -2.67 -15.17 11.21
N VAL A 102 -1.73 -14.23 11.30
CA VAL A 102 -0.41 -14.40 10.69
C VAL A 102 0.68 -14.76 11.72
N ALA A 103 0.72 -14.02 12.82
CA ALA A 103 1.73 -14.25 13.86
C ALA A 103 1.20 -13.88 15.24
N ALA A 104 1.74 -14.57 16.24
CA ALA A 104 1.43 -14.30 17.64
C ALA A 104 2.70 -14.56 18.43
N HIS A 105 3.31 -13.48 18.91
CA HIS A 105 4.66 -13.55 19.42
C HIS A 105 4.81 -12.76 20.72
N ILE A 106 5.62 -13.27 21.65
CA ILE A 106 5.93 -12.54 22.87
C ILE A 106 7.43 -12.30 22.98
N ILE A 107 7.79 -11.04 23.18
CA ILE A 107 9.16 -10.71 23.56
C ILE A 107 9.10 -10.20 25.01
N ALA A 108 9.59 -11.00 25.95
CA ALA A 108 9.34 -10.72 27.37
C ALA A 108 10.22 -9.59 27.91
N ARG A 109 11.34 -9.32 27.25
CA ARG A 109 12.20 -8.22 27.66
C ARG A 109 12.88 -7.56 26.47
N PRO A 110 12.15 -6.70 25.74
CA PRO A 110 12.70 -6.08 24.53
C PRO A 110 13.94 -5.26 24.84
N HIS A 111 14.91 -5.29 23.95
CA HIS A 111 16.11 -4.47 24.11
C HIS A 111 15.73 -2.99 24.09
N ARG A 112 16.49 -2.20 24.83
CA ARG A 112 16.30 -0.76 24.86
C ARG A 112 16.28 -0.15 23.45
N GLU A 113 17.08 -0.71 22.55
CA GLU A 113 17.13 -0.20 21.17
C GLU A 113 15.81 -0.39 20.41
N VAL A 114 15.05 -1.42 20.76
CA VAL A 114 13.82 -1.78 20.06
C VAL A 114 12.66 -0.84 20.42
N GLU A 115 12.77 -0.19 21.57
CA GLU A 115 11.66 0.58 22.14
C GLU A 115 11.04 1.67 21.24
N PRO A 116 11.85 2.44 20.48
CA PRO A 116 11.24 3.41 19.55
C PRO A 116 10.27 2.80 18.54
N ALA A 117 10.47 1.53 18.20
CA ALA A 117 9.58 0.84 17.27
C ALA A 117 8.28 0.46 17.95
N LEU A 118 8.22 0.65 19.26
CA LEU A 118 7.03 0.33 20.04
C LEU A 118 6.33 1.60 20.53
N GLY A 119 6.61 2.71 19.87
CA GLY A 119 6.10 4.00 20.29
C GLY A 119 6.87 4.53 21.48
N ASN A 120 7.96 3.84 21.80
CA ASN A 120 8.81 4.14 22.95
C ASN A 120 8.01 4.30 24.22
N GLY B 32 30.79 3.08 14.71
CA GLY B 32 30.83 2.24 13.53
C GLY B 32 29.84 2.68 12.47
N ILE B 33 30.21 2.47 11.21
CA ILE B 33 29.34 2.90 10.11
C ILE B 33 28.86 1.74 9.26
N ALA B 34 29.22 0.51 9.62
CA ALA B 34 28.71 -0.64 8.90
C ALA B 34 27.19 -0.72 9.04
N LEU B 35 26.53 -1.18 7.99
CA LEU B 35 25.08 -1.24 7.94
C LEU B 35 24.58 -2.69 7.88
N GLY B 36 23.66 -3.02 8.76
CA GLY B 36 22.99 -4.31 8.73
C GLY B 36 21.52 -4.10 8.42
N MET B 37 20.95 -4.98 7.61
CA MET B 37 19.55 -4.85 7.21
C MET B 37 18.85 -6.19 7.16
N ILE B 38 17.66 -6.26 7.75
CA ILE B 38 16.83 -7.45 7.61
C ILE B 38 15.46 -7.03 7.06
N GLU B 39 15.03 -7.72 6.01
CA GLU B 39 13.70 -7.53 5.46
C GLU B 39 12.83 -8.73 5.74
N THR B 40 11.62 -8.48 6.25
CA THR B 40 10.69 -9.55 6.55
C THR B 40 9.33 -9.32 5.89
N ARG B 41 8.48 -10.34 5.94
CA ARG B 41 7.08 -10.25 5.55
C ARG B 41 6.24 -10.00 6.79
N GLY B 42 5.88 -8.74 7.01
CA GLY B 42 5.07 -8.35 8.14
C GLY B 42 5.94 -7.71 9.22
N LEU B 43 5.28 -7.12 10.20
CA LEU B 43 5.97 -6.33 11.20
C LEU B 43 6.47 -7.19 12.36
N VAL B 44 5.75 -8.25 12.68
CA VAL B 44 6.12 -9.03 13.84
C VAL B 44 7.48 -9.73 13.66
N PRO B 45 7.76 -10.33 12.49
CA PRO B 45 9.12 -10.86 12.37
C PRO B 45 10.18 -9.77 12.36
N ALA B 46 9.81 -8.58 11.89
CA ALA B 46 10.75 -7.46 11.88
C ALA B 46 11.15 -7.02 13.29
N ILE B 47 10.18 -6.99 14.20
CA ILE B 47 10.48 -6.62 15.60
C ILE B 47 11.29 -7.71 16.29
N GLU B 48 10.97 -8.97 16.01
CA GLU B 48 11.80 -10.06 16.52
C GLU B 48 13.22 -9.93 16.01
N ALA B 49 13.37 -9.70 14.71
CA ALA B 49 14.70 -9.51 14.13
C ALA B 49 15.46 -8.38 14.82
N ALA B 50 14.80 -7.24 14.99
CA ALA B 50 15.42 -6.08 15.63
C ALA B 50 15.84 -6.40 17.07
N ASP B 51 15.00 -7.12 17.80
CA ASP B 51 15.33 -7.51 19.17
C ASP B 51 16.57 -8.40 19.19
N ALA B 52 16.56 -9.42 18.35
CA ALA B 52 17.66 -10.38 18.29
C ALA B 52 18.95 -9.71 17.85
N MET B 53 18.87 -8.83 16.86
CA MET B 53 20.04 -8.12 16.37
C MET B 53 20.68 -7.26 17.46
N THR B 54 19.86 -6.52 18.20
CA THR B 54 20.40 -5.59 19.18
C THR B 54 20.85 -6.27 20.47
N LYS B 55 20.32 -7.47 20.76
CA LYS B 55 20.82 -8.28 21.87
C LYS B 55 22.09 -9.05 21.50
N ALA B 56 22.28 -9.26 20.20
CA ALA B 56 23.34 -10.13 19.69
C ALA B 56 24.70 -9.48 19.66
N ALA B 57 24.74 -8.16 19.47
CA ALA B 57 26.01 -7.44 19.40
C ALA B 57 25.77 -5.94 19.50
N GLU B 58 26.85 -5.18 19.71
CA GLU B 58 26.72 -3.76 19.93
C GLU B 58 26.33 -3.04 18.64
N VAL B 59 25.03 -3.02 18.36
CA VAL B 59 24.53 -2.27 17.21
C VAL B 59 23.36 -1.37 17.59
N ARG B 60 23.22 -0.28 16.87
CA ARG B 60 22.14 0.67 17.08
C ARG B 60 21.02 0.44 16.07
N LEU B 61 19.77 0.33 16.52
CA LEU B 61 18.63 0.28 15.61
C LEU B 61 18.27 1.68 15.14
N ILE B 62 18.48 1.95 13.86
CA ILE B 62 18.31 3.30 13.36
C ILE B 62 17.09 3.44 12.45
N GLY B 63 16.42 2.33 12.14
CA GLY B 63 15.35 2.35 11.17
C GLY B 63 14.39 1.17 11.21
N ARG B 64 13.12 1.47 10.95
CA ARG B 64 12.09 0.46 10.74
C ARG B 64 11.18 0.99 9.64
N GLU B 65 11.19 0.34 8.49
CA GLU B 65 10.52 0.88 7.30
C GLU B 65 9.38 0.02 6.81
N PHE B 66 8.19 0.63 6.69
CA PHE B 66 7.10 0.02 5.97
C PHE B 66 7.26 0.33 4.48
N VAL B 67 7.61 -0.71 3.73
CA VAL B 67 8.12 -0.57 2.36
C VAL B 67 6.97 -0.52 1.34
N GLY B 68 5.84 -1.12 1.70
CA GLY B 68 4.74 -1.32 0.79
C GLY B 68 4.61 -2.81 0.51
N GLY B 69 3.38 -3.25 0.34
CA GLY B 69 3.10 -4.64 -0.03
C GLY B 69 3.32 -5.68 1.06
N GLY B 70 3.68 -5.24 2.25
CA GLY B 70 3.89 -6.18 3.34
C GLY B 70 5.35 -6.32 3.73
N TYR B 71 6.24 -5.86 2.87
CA TYR B 71 7.65 -5.77 3.25
C TYR B 71 7.88 -4.81 4.42
N VAL B 72 8.73 -5.23 5.36
CA VAL B 72 9.18 -4.36 6.44
C VAL B 72 10.68 -4.55 6.62
N THR B 73 11.42 -3.44 6.67
CA THR B 73 12.87 -3.51 6.80
C THR B 73 13.30 -2.85 8.12
N VAL B 74 14.21 -3.49 8.83
CA VAL B 74 14.84 -2.85 9.97
C VAL B 74 16.32 -2.67 9.67
N LEU B 75 16.85 -1.52 10.04
CA LEU B 75 18.25 -1.21 9.78
C LEU B 75 19.04 -0.96 11.09
N VAL B 76 20.24 -1.51 11.16
CA VAL B 76 21.12 -1.27 12.32
C VAL B 76 22.49 -0.73 11.88
N ARG B 77 23.17 -0.01 12.79
CA ARG B 77 24.53 0.47 12.52
C ARG B 77 25.46 0.02 13.64
N GLY B 78 26.72 -0.19 13.29
CA GLY B 78 27.74 -0.54 14.26
C GLY B 78 29.03 -0.88 13.54
N GLU B 79 30.04 -1.25 14.32
CA GLU B 79 31.29 -1.73 13.76
C GLU B 79 30.99 -3.00 12.97
N THR B 80 31.84 -3.29 11.98
CA THR B 80 31.60 -4.37 11.04
C THR B 80 31.38 -5.74 11.70
N GLY B 81 32.25 -6.11 12.63
CA GLY B 81 32.13 -7.40 13.28
C GLY B 81 30.85 -7.51 14.06
N ALA B 82 30.45 -6.44 14.74
CA ALA B 82 29.18 -6.43 15.46
C ALA B 82 27.99 -6.60 14.50
N VAL B 83 27.99 -5.86 13.41
CA VAL B 83 26.89 -5.92 12.44
C VAL B 83 26.79 -7.34 11.85
N ASN B 84 27.93 -7.96 11.57
CA ASN B 84 27.92 -9.35 11.12
C ASN B 84 27.16 -10.31 12.05
N ALA B 85 27.53 -10.31 13.33
CA ALA B 85 26.89 -11.21 14.30
C ALA B 85 25.42 -10.85 14.52
N ALA B 86 25.14 -9.56 14.55
CA ALA B 86 23.77 -9.08 14.73
C ALA B 86 22.84 -9.61 13.64
N VAL B 87 23.20 -9.35 12.38
CA VAL B 87 22.35 -9.77 11.26
C VAL B 87 22.22 -11.30 11.24
N ARG B 88 23.30 -12.01 11.55
CA ARG B 88 23.24 -13.46 11.57
C ARG B 88 22.28 -13.98 12.66
N ALA B 89 22.32 -13.37 13.84
CA ALA B 89 21.35 -13.76 14.88
C ALA B 89 19.94 -13.34 14.50
N GLY B 90 19.84 -12.14 13.92
CA GLY B 90 18.56 -11.61 13.48
C GLY B 90 17.85 -12.52 12.50
N ALA B 91 18.60 -13.01 11.51
CA ALA B 91 18.01 -13.86 10.48
C ALA B 91 17.52 -15.18 11.07
N ASP B 92 18.31 -15.75 11.98
CA ASP B 92 17.96 -17.01 12.62
C ASP B 92 16.71 -16.89 13.49
N ALA B 93 16.58 -15.74 14.14
CA ALA B 93 15.47 -15.53 15.05
C ALA B 93 14.15 -15.33 14.31
N CYS B 94 14.17 -14.49 13.27
CA CYS B 94 12.89 -14.11 12.66
C CYS B 94 12.41 -15.05 11.56
N GLU B 95 13.25 -15.99 11.13
CA GLU B 95 12.88 -16.85 10.01
C GLU B 95 11.77 -17.83 10.39
N ARG B 96 11.53 -18.02 11.68
CA ARG B 96 10.44 -18.89 12.15
C ARG B 96 9.24 -18.09 12.63
N VAL B 97 9.29 -16.78 12.48
CA VAL B 97 8.26 -15.91 13.02
C VAL B 97 7.34 -15.36 11.91
N GLY B 98 6.03 -15.53 12.09
CA GLY B 98 5.03 -15.03 11.13
C GLY B 98 5.29 -15.51 9.72
N ASP B 99 5.20 -14.60 8.75
CA ASP B 99 5.41 -14.98 7.35
C ASP B 99 6.90 -14.89 7.00
N GLY B 100 7.74 -14.68 8.02
CA GLY B 100 9.14 -14.99 7.90
C GLY B 100 10.09 -14.01 7.24
N LEU B 101 11.24 -14.52 6.83
CA LEU B 101 12.40 -13.73 6.41
C LEU B 101 12.49 -13.58 4.91
N VAL B 102 12.87 -12.40 4.45
CA VAL B 102 13.04 -12.13 3.03
C VAL B 102 14.52 -11.90 2.70
N ALA B 103 15.17 -11.08 3.51
CA ALA B 103 16.54 -10.65 3.23
C ALA B 103 17.32 -10.39 4.49
N ALA B 104 18.60 -10.76 4.45
CA ALA B 104 19.53 -10.46 5.53
C ALA B 104 20.85 -10.06 4.90
N HIS B 105 21.25 -8.82 5.09
CA HIS B 105 22.34 -8.27 4.31
C HIS B 105 23.23 -7.30 5.10
N ILE B 106 24.51 -7.24 4.75
CA ILE B 106 25.45 -6.35 5.40
C ILE B 106 26.26 -5.52 4.41
N ILE B 107 26.40 -4.23 4.70
CA ILE B 107 27.28 -3.35 3.94
C ILE B 107 28.30 -2.75 4.90
N ALA B 108 29.56 -3.14 4.75
CA ALA B 108 30.60 -2.81 5.72
C ALA B 108 30.96 -1.33 5.73
N ARG B 109 31.03 -0.76 4.53
CA ARG B 109 31.33 0.67 4.40
C ARG B 109 30.37 1.34 3.43
N PRO B 110 29.19 1.73 3.91
CA PRO B 110 28.18 2.39 3.09
C PRO B 110 28.67 3.72 2.52
N HIS B 111 28.44 3.93 1.24
CA HIS B 111 28.83 5.18 0.57
C HIS B 111 28.08 6.36 1.16
N ARG B 112 28.74 7.52 1.22
CA ARG B 112 28.15 8.71 1.82
C ARG B 112 26.84 9.09 1.14
N GLU B 113 26.74 8.84 -0.16
CA GLU B 113 25.55 9.13 -0.93
C GLU B 113 24.33 8.36 -0.40
N VAL B 114 24.58 7.18 0.15
CA VAL B 114 23.53 6.28 0.61
C VAL B 114 22.93 6.77 1.93
N GLU B 115 23.71 7.55 2.68
CA GLU B 115 23.31 7.98 4.02
C GLU B 115 21.94 8.65 4.16
N PRO B 116 21.52 9.51 3.20
CA PRO B 116 20.17 10.05 3.30
C PRO B 116 19.08 8.97 3.36
N ALA B 117 19.33 7.84 2.71
CA ALA B 117 18.35 6.74 2.67
C ALA B 117 18.40 5.85 3.91
N LEU B 118 19.20 6.22 4.90
CA LEU B 118 19.36 5.39 6.08
C LEU B 118 18.76 6.02 7.34
N GLY C 32 -25.39 2.86 21.39
CA GLY C 32 -24.90 1.60 21.89
C GLY C 32 -23.39 1.45 21.72
N ILE C 33 -22.78 0.55 22.49
CA ILE C 33 -21.34 0.40 22.46
C ILE C 33 -20.85 -0.88 21.78
N ALA C 34 -21.75 -1.77 21.39
CA ALA C 34 -21.34 -2.95 20.60
C ALA C 34 -20.70 -2.49 19.30
N LEU C 35 -19.85 -3.35 18.73
CA LEU C 35 -19.10 -2.98 17.54
C LEU C 35 -19.38 -3.99 16.43
N GLY C 36 -19.71 -3.48 15.24
CA GLY C 36 -19.91 -4.32 14.06
C GLY C 36 -18.84 -4.01 13.04
N MET C 37 -18.39 -5.03 12.33
CA MET C 37 -17.28 -4.85 11.39
C MET C 37 -17.49 -5.74 10.18
N ILE C 38 -17.41 -5.13 9.01
CA ILE C 38 -17.37 -5.90 7.78
C ILE C 38 -16.10 -5.51 7.04
N GLU C 39 -15.38 -6.53 6.56
CA GLU C 39 -14.18 -6.31 5.78
C GLU C 39 -14.43 -6.84 4.37
N THR C 40 -13.97 -6.10 3.37
CA THR C 40 -14.23 -6.47 1.98
C THR C 40 -12.98 -6.32 1.16
N ARG C 41 -13.03 -6.83 -0.07
CA ARG C 41 -12.00 -6.56 -1.06
C ARG C 41 -12.50 -5.46 -1.97
N GLY C 42 -11.95 -4.27 -1.79
CA GLY C 42 -12.37 -3.10 -2.54
C GLY C 42 -13.38 -2.25 -1.79
N LEU C 43 -13.51 -1.00 -2.22
CA LEU C 43 -14.38 -0.03 -1.57
C LEU C 43 -15.85 -0.16 -1.95
N VAL C 44 -16.16 -0.63 -3.16
CA VAL C 44 -17.57 -0.69 -3.57
C VAL C 44 -18.40 -1.71 -2.75
N PRO C 45 -17.91 -2.95 -2.56
CA PRO C 45 -18.66 -3.84 -1.65
C PRO C 45 -18.76 -3.31 -0.21
N ALA C 46 -17.73 -2.58 0.22
CA ALA C 46 -17.72 -1.95 1.54
C ALA C 46 -18.83 -0.91 1.72
N ILE C 47 -19.05 -0.09 0.70
CA ILE C 47 -20.08 0.96 0.78
C ILE C 47 -21.48 0.33 0.71
N GLU C 48 -21.63 -0.71 -0.10
CA GLU C 48 -22.87 -1.47 -0.13
C GLU C 48 -23.15 -2.12 1.22
N ALA C 49 -22.11 -2.67 1.85
CA ALA C 49 -22.23 -3.19 3.20
C ALA C 49 -22.71 -2.09 4.16
N ALA C 50 -22.05 -0.94 4.12
CA ALA C 50 -22.35 0.16 5.03
C ALA C 50 -23.81 0.61 4.90
N ASP C 51 -24.27 0.67 3.65
CA ASP C 51 -25.63 1.10 3.35
C ASP C 51 -26.63 0.09 3.90
N ALA C 52 -26.36 -1.19 3.69
CA ALA C 52 -27.28 -2.22 4.12
C ALA C 52 -27.29 -2.38 5.63
N MET C 53 -26.12 -2.18 6.25
CA MET C 53 -26.03 -2.26 7.70
C MET C 53 -26.88 -1.19 8.37
N THR C 54 -26.72 0.05 7.93
CA THR C 54 -27.40 1.17 8.57
C THR C 54 -28.90 1.21 8.23
N LYS C 55 -29.29 0.54 7.17
CA LYS C 55 -30.72 0.43 6.83
C LYS C 55 -31.41 -0.70 7.61
N ALA C 56 -30.64 -1.71 8.00
CA ALA C 56 -31.21 -2.90 8.63
C ALA C 56 -31.45 -2.76 10.15
N ALA C 57 -30.79 -1.79 10.77
CA ALA C 57 -30.92 -1.57 12.21
C ALA C 57 -30.38 -0.20 12.57
N GLU C 58 -30.73 0.26 13.77
CA GLU C 58 -30.26 1.55 14.28
C GLU C 58 -28.82 1.45 14.74
N VAL C 59 -27.89 1.58 13.80
CA VAL C 59 -26.47 1.58 14.11
C VAL C 59 -25.86 2.80 13.46
N ARG C 60 -24.74 3.27 14.01
CA ARG C 60 -24.09 4.43 13.42
C ARG C 60 -22.78 4.01 12.80
N LEU C 61 -22.46 4.61 11.66
CA LEU C 61 -21.23 4.30 10.95
C LEU C 61 -20.11 5.16 11.52
N ILE C 62 -19.16 4.55 12.22
CA ILE C 62 -18.12 5.30 12.88
C ILE C 62 -16.80 5.34 12.10
N GLY C 63 -16.69 4.53 11.05
CA GLY C 63 -15.45 4.50 10.32
C GLY C 63 -15.40 3.72 9.03
N ARG C 64 -14.49 4.14 8.15
CA ARG C 64 -14.21 3.46 6.91
C ARG C 64 -12.70 3.46 6.71
N GLU C 65 -12.06 2.30 6.87
CA GLU C 65 -10.61 2.20 6.84
C GLU C 65 -10.05 1.51 5.60
N PHE C 66 -9.13 2.19 4.90
CA PHE C 66 -8.32 1.58 3.85
C PHE C 66 -7.16 0.86 4.52
N VAL C 67 -7.27 -0.45 4.64
CA VAL C 67 -6.37 -1.26 5.45
C VAL C 67 -5.01 -1.50 4.79
N GLY C 68 -5.01 -1.60 3.46
CA GLY C 68 -3.82 -1.89 2.69
C GLY C 68 -4.05 -3.19 1.93
N GLY C 69 -3.40 -3.33 0.77
CA GLY C 69 -3.58 -4.52 -0.05
C GLY C 69 -4.94 -4.65 -0.69
N GLY C 70 -5.82 -3.67 -0.49
CA GLY C 70 -7.16 -3.73 -1.05
C GLY C 70 -8.24 -4.08 -0.04
N TYR C 71 -7.84 -4.40 1.18
CA TYR C 71 -8.81 -4.58 2.26
C TYR C 71 -9.47 -3.24 2.60
N VAL C 72 -10.79 -3.27 2.79
CA VAL C 72 -11.55 -2.11 3.27
C VAL C 72 -12.45 -2.55 4.42
N THR C 73 -12.35 -1.87 5.55
CA THR C 73 -13.20 -2.22 6.69
C THR C 73 -14.16 -1.09 7.00
N VAL C 74 -15.43 -1.43 7.21
CA VAL C 74 -16.40 -0.47 7.70
C VAL C 74 -16.83 -0.91 9.09
N LEU C 75 -16.99 0.08 9.97
CA LEU C 75 -17.25 -0.20 11.37
C LEU C 75 -18.49 0.54 11.83
N VAL C 76 -19.37 -0.16 12.54
CA VAL C 76 -20.56 0.48 13.10
C VAL C 76 -20.64 0.26 14.62
N ARG C 77 -21.31 1.18 15.31
CA ARG C 77 -21.62 1.02 16.73
C ARG C 77 -23.12 1.00 16.93
N GLY C 78 -23.59 0.29 17.94
CA GLY C 78 -24.99 0.29 18.32
C GLY C 78 -25.23 -0.70 19.44
N GLU C 79 -26.48 -0.95 19.77
CA GLU C 79 -26.82 -1.97 20.75
C GLU C 79 -26.50 -3.35 20.14
N THR C 80 -26.26 -4.35 20.99
CA THR C 80 -25.82 -5.66 20.50
C THR C 80 -26.76 -6.29 19.47
N GLY C 81 -28.04 -6.32 19.77
CA GLY C 81 -29.01 -6.93 18.86
C GLY C 81 -29.06 -6.23 17.52
N ALA C 82 -28.89 -4.91 17.54
CA ALA C 82 -28.92 -4.10 16.34
C ALA C 82 -27.68 -4.33 15.49
N VAL C 83 -26.51 -4.39 16.14
CA VAL C 83 -25.26 -4.56 15.43
C VAL C 83 -25.26 -5.93 14.77
N ASN C 84 -25.86 -6.89 15.45
CA ASN C 84 -26.00 -8.26 14.98
C ASN C 84 -26.85 -8.33 13.70
N ALA C 85 -28.01 -7.69 13.74
CA ALA C 85 -28.89 -7.62 12.59
C ALA C 85 -28.22 -6.84 11.45
N ALA C 86 -27.54 -5.76 11.79
CA ALA C 86 -26.82 -4.97 10.79
C ALA C 86 -25.75 -5.77 10.04
N VAL C 87 -24.85 -6.44 10.76
CA VAL C 87 -23.75 -7.15 10.13
C VAL C 87 -24.27 -8.31 9.27
N ARG C 88 -25.29 -8.99 9.78
CA ARG C 88 -25.95 -10.08 9.06
C ARG C 88 -26.42 -9.59 7.69
N ALA C 89 -27.13 -8.47 7.68
CA ALA C 89 -27.64 -7.88 6.43
C ALA C 89 -26.51 -7.39 5.52
N GLY C 90 -25.51 -6.73 6.11
CA GLY C 90 -24.39 -6.20 5.35
C GLY C 90 -23.61 -7.30 4.65
N ALA C 91 -23.40 -8.43 5.35
CA ALA C 91 -22.68 -9.55 4.78
C ALA C 91 -23.42 -10.08 3.54
N ASP C 92 -24.73 -10.30 3.68
CA ASP C 92 -25.55 -10.76 2.56
C ASP C 92 -25.54 -9.80 1.37
N ALA C 93 -25.53 -8.51 1.66
CA ALA C 93 -25.68 -7.49 0.64
C ALA C 93 -24.42 -7.32 -0.20
N CYS C 94 -23.25 -7.52 0.40
CA CYS C 94 -22.02 -7.18 -0.30
C CYS C 94 -21.26 -8.36 -0.85
N GLU C 95 -21.70 -9.58 -0.53
CA GLU C 95 -20.90 -10.76 -0.83
C GLU C 95 -20.74 -11.00 -2.34
N ARG C 96 -21.70 -10.54 -3.13
CA ARG C 96 -21.65 -10.73 -4.58
C ARG C 96 -21.28 -9.44 -5.30
N VAL C 97 -20.96 -8.40 -4.54
CA VAL C 97 -20.57 -7.11 -5.12
C VAL C 97 -19.06 -7.04 -5.29
N GLY C 98 -18.62 -6.71 -6.50
CA GLY C 98 -17.19 -6.60 -6.79
C GLY C 98 -16.41 -7.83 -6.35
N ASP C 99 -15.26 -7.61 -5.72
CA ASP C 99 -14.46 -8.74 -5.27
C ASP C 99 -14.88 -9.25 -3.89
N GLY C 100 -16.01 -8.77 -3.40
CA GLY C 100 -16.77 -9.44 -2.35
C GLY C 100 -16.29 -9.37 -0.90
N LEU C 101 -16.73 -10.33 -0.10
CA LEU C 101 -16.66 -10.24 1.35
C LEU C 101 -15.47 -11.00 1.95
N VAL C 102 -14.83 -10.43 2.98
CA VAL C 102 -13.71 -11.08 3.67
C VAL C 102 -14.08 -11.47 5.11
N ALA C 103 -14.69 -10.53 5.85
CA ALA C 103 -15.03 -10.76 7.26
C ALA C 103 -16.34 -10.09 7.67
N ALA C 104 -17.08 -10.74 8.56
CA ALA C 104 -18.25 -10.11 9.18
C ALA C 104 -18.30 -10.54 10.65
N HIS C 105 -18.06 -9.59 11.55
CA HIS C 105 -17.80 -9.92 12.95
C HIS C 105 -18.46 -8.91 13.91
N ILE C 106 -18.95 -9.41 15.04
CA ILE C 106 -19.52 -8.55 16.07
C ILE C 106 -18.70 -8.67 17.36
N ILE C 107 -18.38 -7.55 18.00
CA ILE C 107 -17.92 -7.56 19.39
C ILE C 107 -18.92 -6.81 20.29
N ALA C 108 -19.66 -7.56 21.11
CA ALA C 108 -20.77 -7.02 21.90
C ALA C 108 -20.37 -6.03 22.98
N ARG C 109 -19.28 -6.33 23.68
CA ARG C 109 -18.77 -5.45 24.73
C ARG C 109 -17.27 -5.21 24.56
N PRO C 110 -16.91 -4.32 23.61
CA PRO C 110 -15.49 -4.01 23.36
C PRO C 110 -14.77 -3.49 24.61
N HIS C 111 -13.56 -3.98 24.86
CA HIS C 111 -12.77 -3.51 25.99
C HIS C 111 -12.43 -2.02 25.81
N ARG C 112 -12.37 -1.28 26.92
CA ARG C 112 -11.98 0.12 26.88
C ARG C 112 -10.68 0.37 26.11
N GLU C 113 -9.71 -0.52 26.30
CA GLU C 113 -8.41 -0.40 25.63
C GLU C 113 -8.51 -0.38 24.10
N VAL C 114 -9.54 -1.01 23.55
CA VAL C 114 -9.68 -1.11 22.10
C VAL C 114 -10.23 0.18 21.50
N GLU C 115 -10.89 0.99 22.33
CA GLU C 115 -11.52 2.23 21.86
C GLU C 115 -10.64 3.16 21.01
N PRO C 116 -9.34 3.33 21.37
CA PRO C 116 -8.49 4.17 20.52
C PRO C 116 -8.34 3.65 19.08
N ALA C 117 -8.49 2.34 18.90
CA ALA C 117 -8.43 1.79 17.55
C ALA C 117 -9.77 1.94 16.82
N LEU C 118 -10.67 2.72 17.40
CA LEU C 118 -12.00 2.94 16.82
C LEU C 118 -12.34 4.44 16.74
N GLY D 32 -29.77 15.74 -5.94
CA GLY D 32 -29.92 14.30 -6.15
C GLY D 32 -29.05 13.50 -5.21
N ILE D 33 -29.63 12.50 -4.56
CA ILE D 33 -28.89 11.73 -3.58
C ILE D 33 -28.55 10.31 -4.04
N ALA D 34 -28.91 9.92 -5.26
CA ALA D 34 -28.53 8.59 -5.74
C ALA D 34 -27.02 8.49 -5.84
N LEU D 35 -26.49 7.28 -5.71
CA LEU D 35 -25.03 7.07 -5.66
C LEU D 35 -24.60 6.02 -6.67
N GLY D 36 -23.66 6.41 -7.52
CA GLY D 36 -23.11 5.50 -8.50
C GLY D 36 -21.64 5.23 -8.24
N MET D 37 -21.22 3.99 -8.43
CA MET D 37 -19.86 3.60 -8.07
C MET D 37 -19.26 2.62 -9.05
N ILE D 38 -18.07 2.95 -9.55
CA ILE D 38 -17.29 2.02 -10.35
C ILE D 38 -15.91 1.78 -9.73
N GLU D 39 -15.54 0.51 -9.61
CA GLU D 39 -14.23 0.11 -9.07
C GLU D 39 -13.42 -0.59 -10.14
N THR D 40 -12.19 -0.13 -10.38
CA THR D 40 -11.34 -0.74 -11.40
C THR D 40 -10.01 -1.25 -10.84
N ARG D 41 -9.27 -1.97 -11.69
CA ARG D 41 -7.88 -2.35 -11.42
C ARG D 41 -6.97 -1.38 -12.15
N GLY D 42 -6.44 -0.42 -11.39
CA GLY D 42 -5.64 0.66 -11.95
C GLY D 42 -6.39 1.97 -12.12
N LEU D 43 -5.65 3.04 -12.27
CA LEU D 43 -6.24 4.37 -12.44
C LEU D 43 -6.78 4.62 -13.86
N VAL D 44 -6.09 4.10 -14.87
CA VAL D 44 -6.45 4.44 -16.24
C VAL D 44 -7.87 3.98 -16.61
N PRO D 45 -8.25 2.72 -16.28
CA PRO D 45 -9.66 2.41 -16.54
C PRO D 45 -10.63 3.23 -15.68
N ALA D 46 -10.18 3.68 -14.51
CA ALA D 46 -11.03 4.49 -13.64
C ALA D 46 -11.28 5.87 -14.23
N ILE D 47 -10.28 6.42 -14.91
CA ILE D 47 -10.45 7.73 -15.51
C ILE D 47 -11.36 7.62 -16.73
N GLU D 48 -11.20 6.56 -17.51
CA GLU D 48 -12.13 6.34 -18.62
C GLU D 48 -13.56 6.14 -18.10
N ALA D 49 -13.70 5.38 -17.01
CA ALA D 49 -15.02 5.20 -16.41
C ALA D 49 -15.62 6.56 -16.03
N ALA D 50 -14.82 7.37 -15.34
CA ALA D 50 -15.25 8.69 -14.90
C ALA D 50 -15.70 9.56 -16.07
N ASP D 51 -14.97 9.50 -17.18
CA ASP D 51 -15.28 10.37 -18.30
C ASP D 51 -16.59 9.95 -18.96
N ALA D 52 -16.83 8.64 -19.04
CA ALA D 52 -18.02 8.15 -19.73
C ALA D 52 -19.24 8.36 -18.84
N MET D 53 -19.04 8.16 -17.54
CA MET D 53 -20.09 8.35 -16.54
C MET D 53 -20.59 9.78 -16.57
N THR D 54 -19.65 10.73 -16.48
CA THR D 54 -20.03 12.13 -16.34
C THR D 54 -20.52 12.75 -17.65
N LYS D 55 -20.21 12.12 -18.78
CA LYS D 55 -20.72 12.58 -20.08
C LYS D 55 -22.09 11.99 -20.37
N ALA D 56 -22.44 10.93 -19.65
CA ALA D 56 -23.67 10.19 -19.92
C ALA D 56 -24.92 10.86 -19.38
N ALA D 57 -24.80 11.51 -18.23
CA ALA D 57 -25.95 12.15 -17.58
C ALA D 57 -25.44 13.17 -16.56
N GLU D 58 -26.33 13.97 -15.98
CA GLU D 58 -25.88 15.01 -15.07
C GLU D 58 -25.59 14.41 -13.70
N VAL D 59 -24.37 13.94 -13.51
CA VAL D 59 -23.93 13.46 -12.21
C VAL D 59 -22.68 14.24 -11.81
N ARG D 60 -22.44 14.34 -10.51
CA ARG D 60 -21.24 15.01 -10.05
C ARG D 60 -20.29 13.96 -9.49
N LEU D 61 -19.02 14.06 -9.90
CA LEU D 61 -17.98 13.16 -9.42
C LEU D 61 -17.57 13.64 -8.04
N ILE D 62 -17.97 12.90 -7.02
CA ILE D 62 -17.74 13.34 -5.65
C ILE D 62 -16.46 12.76 -5.09
N GLY D 63 -15.84 11.84 -5.85
CA GLY D 63 -14.66 11.19 -5.35
C GLY D 63 -13.95 10.23 -6.29
N ARG D 64 -12.64 10.15 -6.10
CA ARG D 64 -11.78 9.15 -6.73
C ARG D 64 -10.81 8.67 -5.67
N GLU D 65 -10.92 7.39 -5.30
CA GLU D 65 -10.16 6.87 -4.18
C GLU D 65 -9.09 5.87 -4.61
N PHE D 66 -7.86 6.03 -4.12
CA PHE D 66 -6.86 4.97 -4.24
C PHE D 66 -7.03 4.03 -3.06
N VAL D 67 -7.62 2.86 -3.33
CA VAL D 67 -8.11 1.98 -2.29
C VAL D 67 -6.97 1.16 -1.64
N GLY D 68 -5.94 0.88 -2.41
CA GLY D 68 -4.83 0.06 -1.94
C GLY D 68 -4.87 -1.25 -2.70
N GLY D 69 -3.69 -1.82 -2.97
CA GLY D 69 -3.63 -3.07 -3.68
C GLY D 69 -3.91 -2.94 -5.18
N GLY D 70 -4.10 -1.73 -5.65
CA GLY D 70 -4.41 -1.51 -7.07
C GLY D 70 -5.85 -1.15 -7.38
N TYR D 71 -6.75 -1.34 -6.43
CA TYR D 71 -8.15 -0.94 -6.61
C TYR D 71 -8.27 0.57 -6.70
N VAL D 72 -9.07 1.04 -7.65
CA VAL D 72 -9.43 2.45 -7.73
C VAL D 72 -10.94 2.57 -7.89
N THR D 73 -11.55 3.44 -7.09
CA THR D 73 -12.99 3.61 -7.13
C THR D 73 -13.35 5.04 -7.48
N VAL D 74 -14.32 5.20 -8.36
CA VAL D 74 -14.84 6.52 -8.71
C VAL D 74 -16.30 6.56 -8.29
N LEU D 75 -16.69 7.68 -7.68
CA LEU D 75 -18.01 7.80 -7.07
C LEU D 75 -18.74 9.01 -7.66
N VAL D 76 -20.00 8.83 -8.02
CA VAL D 76 -20.83 9.93 -8.54
C VAL D 76 -22.18 10.06 -7.83
N ARG D 77 -22.72 11.29 -7.83
CA ARG D 77 -24.06 11.55 -7.27
C ARG D 77 -24.94 12.27 -8.28
N GLY D 78 -26.23 12.01 -8.22
CA GLY D 78 -27.23 12.72 -9.01
C GLY D 78 -28.59 12.07 -8.81
N GLU D 79 -29.56 12.43 -9.65
CA GLU D 79 -30.87 11.79 -9.56
C GLU D 79 -30.75 10.35 -10.05
N THR D 80 -31.68 9.50 -9.66
CA THR D 80 -31.59 8.07 -9.94
C THR D 80 -31.42 7.73 -11.42
N GLY D 81 -32.22 8.36 -12.28
CA GLY D 81 -32.13 8.11 -13.71
C GLY D 81 -30.77 8.46 -14.28
N ALA D 82 -30.23 9.60 -13.86
CA ALA D 82 -28.92 10.05 -14.27
C ALA D 82 -27.82 9.08 -13.85
N VAL D 83 -27.92 8.58 -12.62
CA VAL D 83 -26.91 7.65 -12.08
C VAL D 83 -26.99 6.29 -12.78
N ASN D 84 -28.21 5.81 -13.01
CA ASN D 84 -28.44 4.63 -13.86
C ASN D 84 -27.70 4.73 -15.19
N ALA D 85 -27.96 5.80 -15.93
CA ALA D 85 -27.32 6.02 -17.23
C ALA D 85 -25.80 6.11 -17.10
N ALA D 86 -25.34 6.86 -16.11
CA ALA D 86 -23.91 7.05 -15.87
C ALA D 86 -23.16 5.74 -15.64
N VAL D 87 -23.59 4.97 -14.65
CA VAL D 87 -22.91 3.73 -14.29
C VAL D 87 -22.91 2.74 -15.46
N ARG D 88 -23.99 2.70 -16.24
CA ARG D 88 -24.03 1.84 -17.43
C ARG D 88 -22.96 2.25 -18.44
N ALA D 89 -22.90 3.54 -18.72
CA ALA D 89 -21.89 4.09 -19.61
C ALA D 89 -20.47 3.77 -19.13
N GLY D 90 -20.22 3.94 -17.83
CA GLY D 90 -18.89 3.77 -17.29
C GLY D 90 -18.41 2.32 -17.34
N ALA D 91 -19.30 1.40 -16.98
CA ALA D 91 -18.99 -0.01 -16.99
C ALA D 91 -18.62 -0.50 -18.40
N ASP D 92 -19.41 -0.09 -19.39
CA ASP D 92 -19.14 -0.39 -20.79
C ASP D 92 -17.78 0.13 -21.25
N ALA D 93 -17.48 1.38 -20.92
CA ALA D 93 -16.32 2.06 -21.47
C ALA D 93 -14.98 1.57 -20.91
N CYS D 94 -14.95 1.12 -19.66
CA CYS D 94 -13.67 0.84 -19.01
C CYS D 94 -13.30 -0.63 -18.97
N GLU D 95 -14.21 -1.52 -19.35
CA GLU D 95 -14.00 -2.93 -19.07
C GLU D 95 -12.93 -3.58 -19.95
N ARG D 96 -12.56 -2.93 -21.05
CA ARG D 96 -11.46 -3.42 -21.88
C ARG D 96 -10.23 -2.55 -21.77
N VAL D 97 -10.26 -1.61 -20.83
CA VAL D 97 -9.16 -0.67 -20.65
C VAL D 97 -8.28 -1.15 -19.49
N GLY D 98 -6.98 -1.26 -19.76
CA GLY D 98 -6.01 -1.74 -18.77
C GLY D 98 -6.39 -3.08 -18.14
N ASP D 99 -6.25 -3.16 -16.82
CA ASP D 99 -6.61 -4.40 -16.11
C ASP D 99 -8.10 -4.43 -15.77
N GLY D 100 -8.85 -3.44 -16.24
CA GLY D 100 -10.29 -3.56 -16.33
C GLY D 100 -11.15 -3.30 -15.11
N LEU D 101 -12.36 -3.82 -15.18
CA LEU D 101 -13.44 -3.48 -14.26
C LEU D 101 -13.59 -4.49 -13.12
N VAL D 102 -13.75 -3.98 -11.91
CA VAL D 102 -14.05 -4.84 -10.77
C VAL D 102 -15.53 -4.79 -10.38
N ALA D 103 -16.09 -3.59 -10.32
CA ALA D 103 -17.43 -3.43 -9.80
C ALA D 103 -18.14 -2.24 -10.41
N ALA D 104 -19.46 -2.36 -10.53
CA ALA D 104 -20.30 -1.29 -11.03
C ALA D 104 -21.61 -1.37 -10.27
N HIS D 105 -21.88 -0.35 -9.48
CA HIS D 105 -22.97 -0.46 -8.51
C HIS D 105 -23.73 0.84 -8.36
N ILE D 106 -25.02 0.70 -8.02
CA ILE D 106 -25.90 1.82 -7.80
C ILE D 106 -26.62 1.66 -6.47
N ILE D 107 -26.63 2.73 -5.67
CA ILE D 107 -27.48 2.82 -4.50
C ILE D 107 -28.40 4.03 -4.69
N ALA D 108 -29.68 3.76 -4.90
CA ALA D 108 -30.64 4.81 -5.26
C ALA D 108 -30.87 5.82 -4.14
N ARG D 109 -31.02 5.31 -2.92
CA ARG D 109 -31.23 6.17 -1.76
C ARG D 109 -30.33 5.79 -0.60
N PRO D 110 -29.08 6.25 -0.60
CA PRO D 110 -28.10 5.95 0.46
C PRO D 110 -28.59 6.45 1.81
N HIS D 111 -28.28 5.70 2.87
CA HIS D 111 -28.63 6.12 4.22
C HIS D 111 -27.84 7.38 4.53
N ARG D 112 -28.38 8.26 5.36
CA ARG D 112 -27.63 9.45 5.76
C ARG D 112 -26.36 9.09 6.55
N GLU D 113 -26.35 7.94 7.21
CA GLU D 113 -25.17 7.52 7.97
C GLU D 113 -23.96 7.25 7.05
N VAL D 114 -24.22 6.88 5.80
CA VAL D 114 -23.15 6.56 4.87
C VAL D 114 -22.51 7.84 4.30
N GLU D 115 -23.22 8.96 4.42
CA GLU D 115 -22.78 10.21 3.81
C GLU D 115 -21.36 10.67 4.17
N PRO D 116 -20.90 10.47 5.43
CA PRO D 116 -19.50 10.79 5.71
C PRO D 116 -18.51 9.96 4.88
N ALA D 117 -18.84 8.70 4.61
CA ALA D 117 -17.99 7.86 3.78
C ALA D 117 -18.03 8.33 2.33
N LEU D 118 -19.01 9.16 2.01
CA LEU D 118 -19.16 9.71 0.65
C LEU D 118 -18.60 11.13 0.57
N GLY E 32 -3.22 22.66 -25.74
CA GLY E 32 -4.18 21.59 -25.93
C GLY E 32 -4.69 21.06 -24.61
N ILE E 33 -5.81 20.34 -24.66
CA ILE E 33 -6.43 19.80 -23.44
C ILE E 33 -6.69 18.31 -23.56
N ALA E 34 -6.16 17.71 -24.62
CA ALA E 34 -6.28 16.26 -24.77
C ALA E 34 -5.46 15.61 -23.65
N LEU E 35 -5.86 14.43 -23.24
CA LEU E 35 -5.20 13.74 -22.13
C LEU E 35 -4.70 12.39 -22.59
N GLY E 36 -3.43 12.11 -22.34
CA GLY E 36 -2.85 10.82 -22.64
C GLY E 36 -2.40 10.15 -21.36
N MET E 37 -2.66 8.86 -21.22
CA MET E 37 -2.35 8.14 -20.00
C MET E 37 -1.64 6.83 -20.28
N ILE E 38 -0.61 6.56 -19.51
CA ILE E 38 0.03 5.26 -19.58
C ILE E 38 0.16 4.73 -18.15
N GLU E 39 -0.26 3.49 -17.94
CA GLU E 39 -0.14 2.82 -16.65
C GLU E 39 0.86 1.65 -16.72
N THR E 40 1.73 1.57 -15.72
CA THR E 40 2.78 0.54 -15.74
C THR E 40 2.81 -0.23 -14.42
N ARG E 41 3.54 -1.35 -14.42
CA ARG E 41 3.83 -2.05 -13.18
C ARG E 41 5.22 -1.63 -12.72
N GLY E 42 5.28 -0.82 -11.67
CA GLY E 42 6.53 -0.27 -11.22
C GLY E 42 6.73 1.12 -11.77
N LEU E 43 7.66 1.84 -11.16
CA LEU E 43 7.97 3.23 -11.50
C LEU E 43 8.93 3.37 -12.67
N VAL E 44 9.87 2.43 -12.81
CA VAL E 44 10.86 2.56 -13.86
C VAL E 44 10.24 2.57 -15.29
N PRO E 45 9.32 1.63 -15.60
CA PRO E 45 8.73 1.77 -16.95
C PRO E 45 7.82 3.00 -17.10
N ALA E 46 7.32 3.56 -16.00
CA ALA E 46 6.51 4.76 -16.05
C ALA E 46 7.37 5.95 -16.46
N ILE E 47 8.58 6.01 -15.92
CA ILE E 47 9.46 7.14 -16.21
C ILE E 47 9.96 7.06 -17.64
N GLU E 48 10.28 5.85 -18.08
CA GLU E 48 10.61 5.61 -19.48
C GLU E 48 9.44 6.00 -20.42
N ALA E 49 8.23 5.61 -20.08
CA ALA E 49 7.04 6.00 -20.86
C ALA E 49 6.91 7.54 -20.92
N ALA E 50 7.05 8.19 -19.78
CA ALA E 50 6.99 9.64 -19.72
C ALA E 50 8.08 10.29 -20.57
N ASP E 51 9.29 9.76 -20.50
CA ASP E 51 10.38 10.30 -21.29
C ASP E 51 10.16 10.15 -22.81
N ALA E 52 9.64 9.00 -23.23
CA ALA E 52 9.37 8.78 -24.64
C ALA E 52 8.19 9.61 -25.12
N MET E 53 7.20 9.79 -24.25
CA MET E 53 6.01 10.56 -24.58
C MET E 53 6.35 12.03 -24.85
N THR E 54 7.14 12.62 -23.96
CA THR E 54 7.46 14.03 -24.05
C THR E 54 8.49 14.32 -25.13
N LYS E 55 9.12 13.26 -25.64
CA LYS E 55 10.08 13.39 -26.73
C LYS E 55 9.42 13.21 -28.11
N ALA E 56 8.31 12.48 -28.14
CA ALA E 56 7.70 12.10 -29.41
C ALA E 56 6.80 13.20 -29.98
N ALA E 57 6.35 14.11 -29.12
CA ALA E 57 5.42 15.16 -29.50
C ALA E 57 5.40 16.23 -28.42
N GLU E 58 4.88 17.42 -28.74
CA GLU E 58 4.79 18.47 -27.73
C GLU E 58 3.63 18.17 -26.79
N VAL E 59 3.99 17.57 -25.66
CA VAL E 59 3.04 17.28 -24.61
C VAL E 59 3.71 17.64 -23.29
N ARG E 60 2.91 18.00 -22.30
CA ARG E 60 3.45 18.32 -21.00
C ARG E 60 3.07 17.25 -20.00
N LEU E 61 4.05 16.80 -19.23
CA LEU E 61 3.76 15.87 -18.15
C LEU E 61 3.04 16.64 -17.06
N ILE E 62 1.87 16.17 -16.66
CA ILE E 62 1.12 16.87 -15.62
C ILE E 62 0.98 16.04 -14.36
N GLY E 63 1.32 14.76 -14.45
CA GLY E 63 1.16 13.89 -13.30
C GLY E 63 1.93 12.58 -13.34
N ARG E 64 2.32 12.13 -12.15
CA ARG E 64 2.84 10.80 -11.93
C ARG E 64 2.21 10.27 -10.66
N GLU E 65 1.36 9.26 -10.79
CA GLU E 65 0.58 8.77 -9.65
C GLU E 65 0.99 7.38 -9.19
N PHE E 66 1.27 7.24 -7.89
CA PHE E 66 1.41 5.93 -7.28
C PHE E 66 0.04 5.46 -6.84
N VAL E 67 -0.48 4.47 -7.56
CA VAL E 67 -1.87 4.08 -7.49
C VAL E 67 -2.15 3.06 -6.39
N GLY E 68 -1.11 2.32 -5.99
CA GLY E 68 -1.28 1.24 -5.05
C GLY E 68 -1.08 -0.10 -5.74
N GLY E 69 -0.56 -1.07 -5.00
CA GLY E 69 -0.32 -2.41 -5.50
C GLY E 69 0.84 -2.45 -6.48
N GLY E 70 1.52 -1.32 -6.66
CA GLY E 70 2.58 -1.24 -7.64
C GLY E 70 2.20 -0.64 -8.99
N TYR E 71 0.93 -0.24 -9.19
CA TYR E 71 0.55 0.50 -10.41
C TYR E 71 1.12 1.90 -10.37
N VAL E 72 1.68 2.34 -11.49
CA VAL E 72 2.09 3.75 -11.64
C VAL E 72 1.47 4.29 -12.93
N THR E 73 0.84 5.46 -12.83
CA THR E 73 0.23 6.11 -13.99
C THR E 73 0.90 7.46 -14.27
N VAL E 74 1.33 7.67 -15.51
CA VAL E 74 1.84 8.98 -15.91
C VAL E 74 0.81 9.66 -16.84
N LEU E 75 0.61 10.96 -16.66
CA LEU E 75 -0.42 11.70 -17.38
C LEU E 75 0.18 12.87 -18.14
N VAL E 76 -0.14 12.98 -19.43
CA VAL E 76 0.30 14.13 -20.24
C VAL E 76 -0.89 14.88 -20.86
N ARG E 77 -0.70 16.17 -21.14
CA ARG E 77 -1.70 16.97 -21.85
C ARG E 77 -1.10 17.57 -23.11
N GLY E 78 -1.96 17.94 -24.05
CA GLY E 78 -1.48 18.55 -25.28
C GLY E 78 -2.59 18.56 -26.31
N GLU E 79 -2.27 18.99 -27.52
CA GLU E 79 -3.22 18.93 -28.61
C GLU E 79 -3.44 17.47 -29.00
N THR E 80 -4.56 17.22 -29.68
CA THR E 80 -5.03 15.86 -29.94
C THR E 80 -4.03 15.00 -30.70
N GLY E 81 -3.49 15.54 -31.78
CA GLY E 81 -2.54 14.80 -32.59
C GLY E 81 -1.26 14.52 -31.83
N ALA E 82 -0.77 15.51 -31.10
CA ALA E 82 0.41 15.36 -30.25
C ALA E 82 0.23 14.23 -29.25
N VAL E 83 -0.88 14.26 -28.52
CA VAL E 83 -1.16 13.27 -27.49
C VAL E 83 -1.29 11.86 -28.08
N ASN E 84 -1.84 11.77 -29.29
CA ASN E 84 -1.90 10.46 -29.98
C ASN E 84 -0.51 9.92 -30.30
N ALA E 85 0.37 10.80 -30.76
CA ALA E 85 1.74 10.40 -31.09
C ALA E 85 2.51 10.04 -29.83
N ALA E 86 2.29 10.82 -28.78
CA ALA E 86 2.98 10.65 -27.50
C ALA E 86 2.66 9.31 -26.86
N VAL E 87 1.37 9.01 -26.69
CA VAL E 87 0.95 7.77 -26.02
C VAL E 87 1.44 6.52 -26.74
N ARG E 88 1.34 6.51 -28.06
CA ARG E 88 1.82 5.37 -28.83
C ARG E 88 3.31 5.11 -28.65
N ALA E 89 4.09 6.17 -28.64
CA ALA E 89 5.53 6.07 -28.46
C ALA E 89 5.88 5.62 -27.05
N GLY E 90 5.11 6.10 -26.08
CA GLY E 90 5.31 5.73 -24.69
C GLY E 90 4.98 4.28 -24.45
N ALA E 91 3.99 3.77 -25.18
CA ALA E 91 3.57 2.39 -25.01
C ALA E 91 4.62 1.42 -25.58
N ASP E 92 5.21 1.78 -26.71
CA ASP E 92 6.24 0.96 -27.34
C ASP E 92 7.52 0.94 -26.50
N ALA E 93 7.83 2.07 -25.86
CA ALA E 93 9.09 2.25 -25.17
C ALA E 93 9.13 1.48 -23.85
N CYS E 94 8.05 1.56 -23.08
CA CYS E 94 8.03 1.03 -21.73
C CYS E 94 7.57 -0.42 -21.71
N GLU E 95 7.15 -0.93 -22.86
CA GLU E 95 6.55 -2.26 -22.95
C GLU E 95 7.47 -3.38 -22.46
N ARG E 96 8.78 -3.19 -22.64
CA ARG E 96 9.75 -4.22 -22.25
C ARG E 96 10.62 -3.82 -21.06
N VAL E 97 10.33 -2.67 -20.46
CA VAL E 97 11.06 -2.20 -19.29
C VAL E 97 10.44 -2.74 -18.00
N GLY E 98 11.27 -3.36 -17.16
CA GLY E 98 10.80 -3.88 -15.87
C GLY E 98 9.64 -4.84 -15.98
N ASP E 99 8.62 -4.64 -15.14
CA ASP E 99 7.43 -5.48 -15.19
C ASP E 99 6.39 -4.95 -16.19
N GLY E 100 6.74 -3.88 -16.89
CA GLY E 100 6.05 -3.55 -18.13
C GLY E 100 4.78 -2.73 -18.10
N LEU E 101 4.07 -2.78 -19.24
CA LEU E 101 2.92 -1.93 -19.53
C LEU E 101 1.58 -2.56 -19.14
N VAL E 102 0.67 -1.73 -18.65
CA VAL E 102 -0.65 -2.17 -18.24
C VAL E 102 -1.73 -1.54 -19.13
N ALA E 103 -1.63 -0.23 -19.34
CA ALA E 103 -2.65 0.51 -20.06
C ALA E 103 -2.09 1.68 -20.86
N ALA E 104 -2.66 1.92 -22.03
CA ALA E 104 -2.30 3.08 -22.82
C ALA E 104 -3.58 3.66 -23.41
N HIS E 105 -3.92 4.89 -23.02
CA HIS E 105 -5.24 5.40 -23.32
C HIS E 105 -5.25 6.90 -23.56
N ILE E 106 -6.20 7.35 -24.38
CA ILE E 106 -6.34 8.76 -24.74
C ILE E 106 -7.78 9.23 -24.59
N ILE E 107 -7.96 10.39 -23.94
CA ILE E 107 -9.24 11.07 -23.87
C ILE E 107 -9.06 12.48 -24.42
N ALA E 108 -9.45 12.69 -25.67
CA ALA E 108 -9.20 13.96 -26.37
C ALA E 108 -9.89 15.18 -25.74
N ARG E 109 -11.00 14.97 -25.05
CA ARG E 109 -11.61 16.09 -24.33
C ARG E 109 -12.29 15.62 -23.04
N PRO E 110 -11.49 15.48 -21.96
CA PRO E 110 -12.05 15.04 -20.68
C PRO E 110 -13.15 15.96 -20.20
N HIS E 111 -14.24 15.40 -19.68
CA HIS E 111 -15.30 16.21 -19.11
C HIS E 111 -14.73 16.98 -17.91
N ARG E 112 -15.26 18.17 -17.64
CA ARG E 112 -14.72 19.00 -16.55
C ARG E 112 -14.77 18.28 -15.21
N GLU E 113 -15.71 17.35 -15.05
CA GLU E 113 -15.88 16.59 -13.82
C GLU E 113 -14.74 15.59 -13.61
N VAL E 114 -13.99 15.29 -14.66
CA VAL E 114 -12.92 14.30 -14.62
C VAL E 114 -11.65 14.87 -14.03
N GLU E 115 -11.45 16.17 -14.21
CA GLU E 115 -10.21 16.84 -13.81
C GLU E 115 -9.80 16.59 -12.36
N PRO E 116 -10.74 16.64 -11.39
CA PRO E 116 -10.33 16.36 -10.01
C PRO E 116 -9.88 14.92 -9.75
N ALA E 117 -10.01 14.03 -10.74
CA ALA E 117 -9.66 12.63 -10.54
C ALA E 117 -8.29 12.28 -11.13
N LEU E 118 -7.61 13.26 -11.71
CA LEU E 118 -6.35 13.00 -12.41
C LEU E 118 -5.15 12.98 -11.45
N GLY F 32 26.26 16.22 -14.63
CA GLY F 32 25.65 15.48 -15.71
C GLY F 32 24.15 15.34 -15.52
N ILE F 33 23.43 15.08 -16.62
CA ILE F 33 21.98 14.99 -16.54
C ILE F 33 21.44 13.60 -16.89
N ALA F 34 22.34 12.63 -17.13
CA ALA F 34 21.90 11.26 -17.40
C ALA F 34 21.21 10.64 -16.19
N LEU F 35 20.33 9.67 -16.46
CA LEU F 35 19.50 9.08 -15.42
C LEU F 35 19.66 7.57 -15.32
N GLY F 36 19.99 7.09 -14.12
CA GLY F 36 20.03 5.68 -13.86
C GLY F 36 18.95 5.29 -12.89
N MET F 37 18.28 4.18 -13.16
CA MET F 37 17.23 3.71 -12.28
C MET F 37 17.33 2.21 -12.09
N ILE F 38 17.10 1.79 -10.86
CA ILE F 38 16.98 0.38 -10.55
C ILE F 38 15.74 0.18 -9.72
N GLU F 39 14.94 -0.83 -10.06
CA GLU F 39 13.75 -1.12 -9.30
C GLU F 39 13.88 -2.52 -8.72
N THR F 40 13.48 -2.68 -7.45
CA THR F 40 13.61 -3.98 -6.80
C THR F 40 12.32 -4.38 -6.12
N ARG F 41 12.28 -5.63 -5.68
CA ARG F 41 11.25 -6.12 -4.77
C ARG F 41 11.78 -6.06 -3.34
N GLY F 42 11.35 -5.03 -2.60
CA GLY F 42 11.85 -4.84 -1.24
C GLY F 42 12.92 -3.78 -1.16
N LEU F 43 13.09 -3.25 0.05
CA LEU F 43 14.03 -2.16 0.27
C LEU F 43 15.48 -2.64 0.39
N VAL F 44 15.69 -3.86 0.87
CA VAL F 44 17.08 -4.29 1.11
C VAL F 44 17.87 -4.40 -0.23
N PRO F 45 17.32 -5.07 -1.27
CA PRO F 45 18.03 -5.02 -2.56
C PRO F 45 18.20 -3.61 -3.15
N ALA F 46 17.25 -2.70 -2.90
CA ALA F 46 17.39 -1.33 -3.35
C ALA F 46 18.56 -0.61 -2.68
N ILE F 47 18.71 -0.82 -1.39
CA ILE F 47 19.80 -0.18 -0.67
C ILE F 47 21.16 -0.74 -1.14
N GLU F 48 21.21 -2.05 -1.36
CA GLU F 48 22.41 -2.66 -1.93
C GLU F 48 22.70 -2.11 -3.33
N ALA F 49 21.66 -1.94 -4.14
CA ALA F 49 21.84 -1.38 -5.47
C ALA F 49 22.42 0.02 -5.38
N ALA F 50 21.84 0.85 -4.51
CA ALA F 50 22.24 2.26 -4.39
C ALA F 50 23.70 2.38 -3.96
N ASP F 51 24.12 1.48 -3.08
CA ASP F 51 25.48 1.47 -2.59
C ASP F 51 26.46 1.06 -3.68
N ALA F 52 26.12 -0.02 -4.39
CA ALA F 52 26.95 -0.45 -5.51
C ALA F 52 27.01 0.61 -6.60
N MET F 53 25.89 1.29 -6.84
CA MET F 53 25.86 2.32 -7.88
C MET F 53 26.77 3.49 -7.55
N THR F 54 26.69 3.99 -6.32
CA THR F 54 27.44 5.20 -5.96
C THR F 54 28.92 4.89 -5.75
N LYS F 55 29.24 3.63 -5.48
CA LYS F 55 30.63 3.21 -5.37
C LYS F 55 31.28 2.96 -6.73
N ALA F 56 30.46 2.68 -7.74
CA ALA F 56 31.00 2.28 -9.04
C ALA F 56 31.48 3.46 -9.85
N ALA F 57 30.90 4.64 -9.61
CA ALA F 57 31.17 5.81 -10.43
C ALA F 57 30.74 7.10 -9.76
N GLU F 58 31.08 8.22 -10.38
CA GLU F 58 30.69 9.53 -9.89
C GLU F 58 29.24 9.82 -10.27
N VAL F 59 28.31 9.33 -9.46
CA VAL F 59 26.90 9.57 -9.65
C VAL F 59 26.30 9.99 -8.33
N ARG F 60 25.34 10.91 -8.38
CA ARG F 60 24.67 11.35 -7.17
C ARG F 60 23.36 10.60 -7.00
N LEU F 61 23.13 10.07 -5.80
CA LEU F 61 21.85 9.44 -5.49
C LEU F 61 20.81 10.54 -5.25
N ILE F 62 19.79 10.59 -6.10
CA ILE F 62 18.83 11.69 -6.00
C ILE F 62 17.50 11.27 -5.37
N GLY F 63 17.32 9.98 -5.11
CA GLY F 63 16.06 9.54 -4.52
C GLY F 63 15.84 8.06 -4.29
N ARG F 64 14.95 7.78 -3.35
CA ARG F 64 14.48 6.45 -3.04
C ARG F 64 12.96 6.52 -2.93
N GLU F 65 12.26 5.83 -3.81
CA GLU F 65 10.80 5.88 -3.85
C GLU F 65 10.18 4.56 -3.43
N PHE F 66 9.25 4.61 -2.47
CA PHE F 66 8.39 3.46 -2.18
C PHE F 66 7.20 3.53 -3.12
N VAL F 67 7.20 2.67 -4.13
CA VAL F 67 6.24 2.71 -5.23
C VAL F 67 4.85 2.21 -4.85
N GLY F 68 4.80 1.19 -3.99
CA GLY F 68 3.57 0.49 -3.69
C GLY F 68 3.68 -0.98 -4.08
N GLY F 69 3.01 -1.85 -3.34
CA GLY F 69 3.04 -3.28 -3.63
C GLY F 69 4.37 -3.96 -3.34
N GLY F 70 5.35 -3.22 -2.84
CA GLY F 70 6.63 -3.81 -2.54
C GLY F 70 7.75 -3.37 -3.47
N TYR F 71 7.37 -2.70 -4.57
CA TYR F 71 8.35 -2.10 -5.49
C TYR F 71 9.09 -0.94 -4.82
N VAL F 72 10.40 -0.88 -5.03
CA VAL F 72 11.20 0.25 -4.58
C VAL F 72 12.11 0.65 -5.72
N THR F 73 12.33 1.95 -5.91
CA THR F 73 13.15 2.42 -7.02
C THR F 73 14.18 3.40 -6.52
N VAL F 74 15.42 3.23 -6.95
CA VAL F 74 16.48 4.17 -6.62
C VAL F 74 16.94 4.89 -7.89
N LEU F 75 17.21 6.19 -7.75
CA LEU F 75 17.54 7.03 -8.90
C LEU F 75 18.88 7.74 -8.70
N VAL F 76 19.71 7.73 -9.75
CA VAL F 76 20.98 8.45 -9.71
C VAL F 76 21.15 9.36 -10.93
N ARG F 77 21.93 10.42 -10.77
CA ARG F 77 22.26 11.28 -11.89
C ARG F 77 23.77 11.39 -12.04
N GLY F 78 24.23 11.58 -13.27
CA GLY F 78 25.64 11.77 -13.55
C GLY F 78 25.83 11.85 -15.05
N GLU F 79 27.07 11.76 -15.50
CA GLU F 79 27.34 11.72 -16.93
C GLU F 79 27.00 10.34 -17.48
N THR F 80 26.76 10.27 -18.78
CA THR F 80 26.22 9.05 -19.39
C THR F 80 27.05 7.78 -19.07
N GLY F 81 28.37 7.86 -19.22
CA GLY F 81 29.22 6.71 -18.98
C GLY F 81 29.23 6.28 -17.53
N ALA F 82 29.26 7.27 -16.64
CA ALA F 82 29.23 7.03 -15.20
C ALA F 82 27.94 6.33 -14.81
N VAL F 83 26.83 6.82 -15.36
CA VAL F 83 25.53 6.29 -15.03
C VAL F 83 25.40 4.86 -15.51
N ASN F 84 25.97 4.56 -16.67
CA ASN F 84 25.93 3.21 -17.21
C ASN F 84 26.73 2.23 -16.36
N ALA F 85 27.88 2.67 -15.89
CA ALA F 85 28.72 1.87 -15.03
C ALA F 85 27.98 1.61 -13.72
N ALA F 86 27.42 2.68 -13.17
CA ALA F 86 26.66 2.63 -11.92
C ALA F 86 25.52 1.62 -11.96
N VAL F 87 24.69 1.67 -13.00
CA VAL F 87 23.54 0.79 -13.10
C VAL F 87 23.92 -0.68 -13.34
N ARG F 88 24.94 -0.91 -14.17
CA ARG F 88 25.47 -2.26 -14.33
C ARG F 88 25.87 -2.85 -12.98
N ALA F 89 26.61 -2.08 -12.20
CA ALA F 89 27.09 -2.51 -10.89
C ALA F 89 25.93 -2.81 -9.93
N GLY F 90 24.93 -1.92 -9.93
CA GLY F 90 23.80 -2.07 -9.03
C GLY F 90 22.90 -3.23 -9.41
N ALA F 91 22.77 -3.49 -10.71
CA ALA F 91 22.00 -4.64 -11.18
C ALA F 91 22.63 -5.95 -10.76
N ASP F 92 23.96 -6.04 -10.89
CA ASP F 92 24.69 -7.23 -10.49
C ASP F 92 24.63 -7.48 -8.99
N ALA F 93 24.79 -6.41 -8.21
CA ALA F 93 24.89 -6.53 -6.76
C ALA F 93 23.58 -6.94 -6.10
N CYS F 94 22.44 -6.49 -6.63
CA CYS F 94 21.19 -6.66 -5.90
C CYS F 94 20.35 -7.83 -6.39
N GLU F 95 20.74 -8.49 -7.47
CA GLU F 95 19.84 -9.45 -8.11
C GLU F 95 19.67 -10.72 -7.29
N ARG F 96 20.61 -11.02 -6.41
CA ARG F 96 20.45 -12.15 -5.51
C ARG F 96 20.34 -11.71 -4.06
N VAL F 97 19.91 -10.46 -3.85
CA VAL F 97 19.62 -9.97 -2.51
C VAL F 97 18.10 -9.90 -2.29
N GLY F 98 17.64 -10.57 -1.25
CA GLY F 98 16.23 -10.61 -0.93
C GLY F 98 15.39 -11.11 -2.09
N ASP F 99 14.35 -10.36 -2.42
CA ASP F 99 13.46 -10.79 -3.49
C ASP F 99 13.89 -10.22 -4.85
N GLY F 100 15.06 -9.58 -4.87
CA GLY F 100 15.77 -9.31 -6.10
C GLY F 100 15.38 -8.12 -6.99
N LEU F 101 15.72 -8.27 -8.26
CA LEU F 101 15.75 -7.17 -9.21
C LEU F 101 14.52 -7.18 -10.14
N VAL F 102 13.98 -6.00 -10.41
CA VAL F 102 12.83 -5.87 -11.31
C VAL F 102 13.21 -5.16 -12.59
N ALA F 103 13.95 -4.06 -12.47
CA ALA F 103 14.27 -3.26 -13.64
C ALA F 103 15.60 -2.56 -13.50
N ALA F 104 16.36 -2.52 -14.60
CA ALA F 104 17.54 -1.69 -14.67
C ALA F 104 17.48 -0.88 -15.95
N HIS F 105 17.57 0.44 -15.85
CA HIS F 105 17.32 1.27 -17.00
C HIS F 105 18.10 2.57 -16.96
N ILE F 106 18.55 3.00 -18.13
CA ILE F 106 19.29 4.26 -18.24
C ILE F 106 18.63 5.17 -19.28
N ILE F 107 18.43 6.44 -18.90
CA ILE F 107 18.01 7.46 -19.85
C ILE F 107 19.12 8.51 -19.94
N ALA F 108 19.85 8.50 -21.06
CA ALA F 108 21.04 9.33 -21.21
C ALA F 108 20.73 10.83 -21.13
N ARG F 109 19.66 11.25 -21.80
CA ARG F 109 19.27 12.65 -21.81
C ARG F 109 17.77 12.82 -21.62
N PRO F 110 17.33 12.86 -20.35
CA PRO F 110 15.91 13.01 -20.01
C PRO F 110 15.32 14.32 -20.51
N HIS F 111 14.07 14.26 -20.95
CA HIS F 111 13.33 15.46 -21.33
C HIS F 111 13.10 16.31 -20.10
N ARG F 112 13.19 17.63 -20.23
CA ARG F 112 13.00 18.50 -19.07
C ARG F 112 11.60 18.38 -18.48
N GLU F 113 10.66 17.90 -19.30
CA GLU F 113 9.31 17.63 -18.82
C GLU F 113 9.30 16.56 -17.73
N VAL F 114 10.29 15.69 -17.75
CA VAL F 114 10.36 14.57 -16.81
C VAL F 114 11.02 14.96 -15.48
N GLU F 115 11.86 15.99 -15.52
CA GLU F 115 12.59 16.46 -14.33
C GLU F 115 11.75 16.60 -13.05
N PRO F 116 10.48 17.05 -13.15
CA PRO F 116 9.67 17.03 -11.93
C PRO F 116 9.53 15.64 -11.29
N ALA F 117 9.55 14.59 -12.12
CA ALA F 117 9.51 13.23 -11.61
C ALA F 117 10.87 12.76 -11.09
N LEU F 118 11.86 13.65 -11.13
CA LEU F 118 13.21 13.32 -10.69
C LEU F 118 13.70 14.23 -9.56
#